data_4UMT
#
_entry.id   4UMT
#
_cell.length_a   103.274
_cell.length_b   103.274
_cell.length_c   64.887
_cell.angle_alpha   90.00
_cell.angle_beta   90.00
_cell.angle_gamma   120.00
#
_symmetry.space_group_name_H-M   'P 31 2 1'
#
loop_
_entity.id
_entity.type
_entity.pdbx_description
1 polymer 'MATERNAL EMBRYONIC LEUCINE ZIPPER KINASE'
2 non-polymer 'DIMETHYL SULFOXIDE'
3 non-polymer 1-(4-{[3-(isoquinolin-7-yl)prop-2-yn-1-yl]oxy}-2-methoxybenzyl)piperazinediium
4 water water
#
_entity_poly.entity_id   1
_entity_poly.type   'polypeptide(L)'
_entity_poly.pdbx_seq_one_letter_code
;MGSSHHHHHHSSGLVPRGSHMKDYDELLKYYELHETIGTGGFAKVKLACHILTGEMVAIKIMDKNTLGSDLPRIKTEIEA
LKNLRHQHICQLYHVLETANKIFMVLEYCPGGELFDYIISQDRLSEEETRVVFRQIVSAVAYVHSQGYAHRDLKPENLLF
DEYHKLKLIDFGLCAKPKGNKDYHLQTCCGSLAYAAPELIQGKSYLGSEADVWSMGILLYVLMCGFLPFDDDTAAALVAK
IMRGKYDVPKWLSPSSILLLQQMLQVDPKKRISMKNLLNHPWIMQDYNYPVEWQSKNPFIHLDDDCVTELSVHHRNNRQT
MEDLISLWQYDHLTATYLLLLAKKARGKPVRLRLSS
;
_entity_poly.pdbx_strand_id   A
#
loop_
_chem_comp.id
_chem_comp.type
_chem_comp.name
_chem_comp.formula
47W non-polymer 1-(4-{[3-(isoquinolin-7-yl)prop-2-yn-1-yl]oxy}-2-methoxybenzyl)piperazinediium 'C24 H27 N3 O2 2'
DMS non-polymer 'DIMETHYL SULFOXIDE' 'C2 H6 O S'
#
# COMPACT_ATOMS: atom_id res chain seq x y z
N ASP A 23 -7.88 -21.93 -11.59
CA ASP A 23 -6.82 -22.80 -12.19
C ASP A 23 -5.43 -22.14 -12.34
N TYR A 24 -4.41 -22.98 -12.41
CA TYR A 24 -3.00 -22.62 -12.30
C TYR A 24 -2.20 -22.82 -13.59
N ASP A 25 -2.87 -23.28 -14.63
CA ASP A 25 -2.19 -23.70 -15.86
C ASP A 25 -1.40 -22.56 -16.48
N GLU A 26 -2.09 -21.45 -16.72
CA GLU A 26 -1.44 -20.26 -17.28
C GLU A 26 -0.34 -19.70 -16.35
N LEU A 27 -0.69 -19.50 -15.07
CA LEU A 27 0.26 -18.90 -14.09
C LEU A 27 1.61 -19.61 -14.10
N LEU A 28 1.57 -20.94 -14.01
CA LEU A 28 2.78 -21.76 -13.94
C LEU A 28 3.58 -21.82 -15.23
N LYS A 29 3.03 -21.25 -16.30
CA LYS A 29 3.79 -21.09 -17.54
C LYS A 29 4.73 -19.90 -17.38
N TYR A 30 4.36 -18.96 -16.52
CA TYR A 30 5.11 -17.72 -16.29
C TYR A 30 5.87 -17.65 -14.97
N TYR A 31 5.39 -18.36 -13.94
CA TYR A 31 5.91 -18.24 -12.58
C TYR A 31 6.17 -19.60 -11.96
N GLU A 32 7.29 -19.70 -11.25
CA GLU A 32 7.61 -20.85 -10.40
C GLU A 32 7.23 -20.47 -8.98
N LEU A 33 6.37 -21.27 -8.35
CA LEU A 33 5.86 -20.99 -7.02
C LEU A 33 6.82 -21.46 -5.94
N HIS A 34 7.09 -20.59 -4.96
CA HIS A 34 7.88 -20.96 -3.79
C HIS A 34 6.92 -20.97 -2.58
N GLU A 35 7.49 -20.85 -1.39
CA GLU A 35 6.74 -20.85 -0.11
C GLU A 35 5.56 -19.86 -0.02
N THR A 36 4.58 -20.21 0.82
CA THR A 36 3.54 -19.28 1.23
C THR A 36 4.19 -18.29 2.19
N ILE A 37 3.84 -17.03 2.04
CA ILE A 37 4.26 -16.01 2.99
C ILE A 37 3.06 -15.44 3.74
N GLY A 38 1.90 -15.41 3.06
CA GLY A 38 0.67 -14.83 3.61
C GLY A 38 -0.44 -15.82 3.87
N THR A 39 -0.80 -15.94 5.15
CA THR A 39 -1.96 -16.69 5.62
C THR A 39 -3.17 -15.73 5.75
N GLY A 40 -4.32 -16.13 5.21
CA GLY A 40 -5.53 -15.29 5.22
C GLY A 40 -6.83 -16.07 5.24
N GLY A 41 -7.94 -15.35 5.14
CA GLY A 41 -9.29 -15.95 5.19
C GLY A 41 -9.98 -16.03 3.84
N PHE A 42 -9.84 -14.96 3.05
CA PHE A 42 -10.33 -14.96 1.65
C PHE A 42 -9.19 -14.98 0.62
N ALA A 43 -7.94 -15.12 1.09
CA ALA A 43 -6.78 -15.07 0.19
C ALA A 43 -5.48 -15.67 0.79
N LYS A 44 -4.61 -16.14 -0.12
CA LYS A 44 -3.30 -16.71 0.19
C LYS A 44 -2.29 -15.86 -0.55
N VAL A 45 -1.03 -15.86 -0.13
CA VAL A 45 0.03 -15.14 -0.84
C VAL A 45 1.27 -16.02 -0.97
N LYS A 46 1.80 -16.12 -2.18
CA LYS A 46 2.97 -16.98 -2.43
C LYS A 46 4.16 -16.18 -2.91
N LEU A 47 5.34 -16.52 -2.41
CA LEU A 47 6.56 -16.06 -3.02
C LEU A 47 6.72 -16.82 -4.33
N ALA A 48 7.14 -16.13 -5.38
CA ALA A 48 7.30 -16.75 -6.71
C ALA A 48 8.45 -16.11 -7.48
N CYS A 49 8.94 -16.85 -8.47
CA CYS A 49 9.94 -16.35 -9.41
C CYS A 49 9.28 -16.13 -10.76
N HIS A 50 9.47 -14.95 -11.33
CA HIS A 50 9.08 -14.66 -12.72
C HIS A 50 10.13 -15.27 -13.64
N ILE A 51 9.75 -16.34 -14.36
CA ILE A 51 10.72 -17.18 -15.10
C ILE A 51 11.59 -16.40 -16.08
N LEU A 52 10.98 -15.54 -16.90
CA LEU A 52 11.72 -14.85 -17.96
C LEU A 52 12.81 -13.91 -17.46
N THR A 53 12.56 -13.22 -16.35
CA THR A 53 13.54 -12.25 -15.82
C THR A 53 14.34 -12.79 -14.63
N GLY A 54 13.86 -13.86 -14.01
CA GLY A 54 14.46 -14.38 -12.77
C GLY A 54 14.15 -13.56 -11.53
N GLU A 55 13.21 -12.63 -11.62
CA GLU A 55 12.95 -11.70 -10.53
C GLU A 55 11.86 -12.26 -9.60
N MET A 56 12.06 -12.09 -8.30
CA MET A 56 11.10 -12.56 -7.30
C MET A 56 9.92 -11.61 -7.19
N VAL A 57 8.73 -12.18 -7.04
CA VAL A 57 7.47 -11.45 -6.88
C VAL A 57 6.63 -12.11 -5.74
N ALA A 58 5.63 -11.39 -5.23
CA ALA A 58 4.60 -11.98 -4.37
C ALA A 58 3.34 -12.13 -5.21
N ILE A 59 2.68 -13.28 -5.11
CA ILE A 59 1.44 -13.49 -5.85
C ILE A 59 0.30 -13.66 -4.86
N LYS A 60 -0.63 -12.72 -4.90
CA LYS A 60 -1.85 -12.81 -4.09
C LYS A 60 -2.91 -13.57 -4.86
N ILE A 61 -3.42 -14.62 -4.24
CA ILE A 61 -4.40 -15.52 -4.84
C ILE A 61 -5.76 -15.32 -4.20
N MET A 62 -6.73 -14.85 -4.98
CA MET A 62 -8.10 -14.60 -4.48
C MET A 62 -9.08 -15.54 -5.19
N ASP A 63 -10.00 -16.13 -4.43
CA ASP A 63 -11.04 -16.99 -4.99
C ASP A 63 -12.30 -16.20 -5.29
N LYS A 64 -12.85 -16.36 -6.50
CA LYS A 64 -14.04 -15.62 -6.92
C LYS A 64 -15.29 -16.02 -6.16
N ASN A 65 -15.52 -17.32 -5.99
CA ASN A 65 -16.69 -17.79 -5.23
C ASN A 65 -16.70 -17.23 -3.82
N THR A 66 -15.53 -17.28 -3.18
CA THR A 66 -15.37 -16.69 -1.86
C THR A 66 -15.73 -15.21 -1.90
N LEU A 67 -15.17 -14.50 -2.89
CA LEU A 67 -15.41 -13.05 -3.00
C LEU A 67 -16.88 -12.71 -3.28
N GLY A 68 -17.57 -13.56 -4.03
CA GLY A 68 -19.00 -13.40 -4.27
C GLY A 68 -19.33 -12.07 -4.93
N SER A 69 -20.34 -11.38 -4.41
CA SER A 69 -20.79 -10.09 -4.96
C SER A 69 -19.85 -8.91 -4.63
N ASP A 70 -18.75 -9.16 -3.94
CA ASP A 70 -17.70 -8.15 -3.79
C ASP A 70 -16.70 -8.19 -4.94
N LEU A 71 -16.81 -9.19 -5.81
CA LEU A 71 -15.93 -9.32 -6.96
C LEU A 71 -15.85 -8.03 -7.81
N PRO A 72 -17.00 -7.41 -8.14
CA PRO A 72 -16.93 -6.15 -8.90
C PRO A 72 -16.22 -5.00 -8.18
N ARG A 73 -16.35 -4.94 -6.86
CA ARG A 73 -15.64 -3.94 -6.06
C ARG A 73 -14.12 -4.19 -6.06
N ILE A 74 -13.74 -5.46 -5.95
CA ILE A 74 -12.32 -5.85 -5.99
C ILE A 74 -11.68 -5.49 -7.33
N LYS A 75 -12.44 -5.70 -8.40
CA LYS A 75 -11.99 -5.34 -9.76
C LYS A 75 -11.80 -3.83 -9.93
N THR A 76 -12.72 -3.04 -9.37
CA THR A 76 -12.59 -1.57 -9.35
C THR A 76 -11.33 -1.10 -8.58
N GLU A 77 -10.98 -1.78 -7.49
CA GLU A 77 -9.76 -1.45 -6.73
C GLU A 77 -8.47 -1.84 -7.48
N ILE A 78 -8.46 -3.03 -8.09
CA ILE A 78 -7.36 -3.47 -8.94
C ILE A 78 -7.15 -2.47 -10.08
N GLU A 79 -8.24 -2.00 -10.66
CA GLU A 79 -8.16 -0.96 -11.68
C GLU A 79 -7.49 0.31 -11.13
N ALA A 80 -7.81 0.70 -9.90
CA ALA A 80 -7.18 1.87 -9.26
C ALA A 80 -5.69 1.65 -9.04
N LEU A 81 -5.32 0.47 -8.55
CA LEU A 81 -3.91 0.15 -8.33
C LEU A 81 -3.06 0.26 -9.62
N LYS A 82 -3.68 -0.10 -10.75
CA LYS A 82 -3.02 0.04 -12.05
C LYS A 82 -2.64 1.50 -12.34
N ASN A 83 -3.33 2.44 -11.72
CA ASN A 83 -3.05 3.85 -11.93
C ASN A 83 -2.15 4.48 -10.86
N LEU A 84 -1.56 3.65 -10.02
CA LEU A 84 -0.66 4.13 -8.99
C LEU A 84 0.76 3.67 -9.30
N ARG A 85 1.71 4.59 -9.19
CA ARG A 85 3.09 4.30 -9.44
C ARG A 85 3.91 5.20 -8.51
N HIS A 86 4.51 4.59 -7.50
CA HIS A 86 5.04 5.37 -6.37
C HIS A 86 5.97 4.52 -5.53
N GLN A 87 7.01 5.17 -5.06
CA GLN A 87 8.04 4.54 -4.22
C GLN A 87 7.53 3.92 -2.89
N HIS A 88 6.43 4.43 -2.36
CA HIS A 88 5.85 3.88 -1.12
C HIS A 88 4.51 3.18 -1.35
N ILE A 89 4.30 2.74 -2.59
CA ILE A 89 3.12 1.95 -2.90
C ILE A 89 3.56 0.68 -3.60
N CYS A 90 3.05 -0.44 -3.09
CA CYS A 90 3.36 -1.74 -3.68
C CYS A 90 2.99 -1.75 -5.16
N GLN A 91 3.97 -2.11 -6.00
CA GLN A 91 3.79 -2.13 -7.44
C GLN A 91 3.05 -3.37 -7.92
N LEU A 92 2.04 -3.16 -8.76
CA LEU A 92 1.36 -4.25 -9.43
C LEU A 92 2.08 -4.57 -10.75
N TYR A 93 2.33 -5.85 -11.01
CA TYR A 93 2.96 -6.31 -12.26
C TYR A 93 2.02 -7.00 -13.27
N HIS A 94 1.08 -7.79 -12.77
CA HIS A 94 0.33 -8.74 -13.61
C HIS A 94 -0.98 -9.05 -12.88
N VAL A 95 -2.09 -9.02 -13.62
CA VAL A 95 -3.36 -9.56 -13.12
C VAL A 95 -3.81 -10.67 -14.07
N LEU A 96 -4.10 -11.82 -13.51
CA LEU A 96 -4.47 -12.96 -14.31
C LEU A 96 -5.75 -13.51 -13.73
N GLU A 97 -6.79 -13.58 -14.55
CA GLU A 97 -8.08 -14.08 -14.12
C GLU A 97 -8.41 -15.37 -14.82
N THR A 98 -8.96 -16.32 -14.07
CA THR A 98 -9.33 -17.62 -14.60
C THR A 98 -10.78 -17.92 -14.20
N ALA A 99 -11.22 -19.16 -14.39
CA ALA A 99 -12.57 -19.56 -14.01
C ALA A 99 -12.88 -19.21 -12.56
N ASN A 100 -11.99 -19.55 -11.63
CA ASN A 100 -12.26 -19.41 -10.20
C ASN A 100 -11.34 -18.50 -9.41
N LYS A 101 -10.30 -17.96 -10.05
CA LYS A 101 -9.28 -17.20 -9.34
C LYS A 101 -8.99 -15.86 -9.99
N ILE A 102 -8.52 -14.93 -9.19
CA ILE A 102 -7.80 -13.77 -9.67
C ILE A 102 -6.44 -13.78 -8.98
N PHE A 103 -5.38 -13.69 -9.79
CA PHE A 103 -4.02 -13.66 -9.30
C PHE A 103 -3.52 -12.23 -9.46
N MET A 104 -2.94 -11.68 -8.40
CA MET A 104 -2.31 -10.38 -8.48
C MET A 104 -0.84 -10.58 -8.24
N VAL A 105 -0.02 -10.22 -9.23
CA VAL A 105 1.42 -10.35 -9.10
C VAL A 105 2.01 -9.00 -8.72
N LEU A 106 2.61 -8.97 -7.54
CA LEU A 106 3.02 -7.74 -6.89
C LEU A 106 4.50 -7.77 -6.49
N GLU A 107 5.00 -6.58 -6.24
CA GLU A 107 6.31 -6.33 -5.66
C GLU A 107 6.45 -7.05 -4.34
N TYR A 108 7.48 -7.90 -4.23
CA TYR A 108 7.74 -8.64 -3.01
C TYR A 108 8.38 -7.70 -1.99
N CYS A 109 7.73 -7.58 -0.84
CA CYS A 109 8.19 -6.81 0.32
C CYS A 109 8.65 -7.75 1.46
N PRO A 110 9.96 -8.06 1.53
CA PRO A 110 10.44 -9.06 2.49
C PRO A 110 10.40 -8.70 3.99
N GLY A 111 10.32 -7.42 4.35
CA GLY A 111 10.35 -7.02 5.77
C GLY A 111 9.07 -7.23 6.58
N GLY A 112 7.98 -7.65 5.94
CA GLY A 112 6.75 -8.03 6.66
C GLY A 112 5.88 -6.83 7.02
N GLU A 113 4.81 -7.09 7.78
CA GLU A 113 3.88 -6.04 8.15
C GLU A 113 4.47 -5.06 9.18
N LEU A 114 4.05 -3.82 9.08
CA LEU A 114 4.33 -2.81 10.12
C LEU A 114 3.73 -3.26 11.45
N PHE A 115 2.60 -3.97 11.38
CA PHE A 115 1.94 -4.52 12.56
C PHE A 115 2.90 -5.32 13.43
N ASP A 116 3.54 -6.31 12.80
CA ASP A 116 4.48 -7.19 13.47
C ASP A 116 5.72 -6.43 13.96
N TYR A 117 6.14 -5.44 13.20
CA TYR A 117 7.27 -4.60 13.62
C TYR A 117 6.94 -3.85 14.91
N ILE A 118 5.76 -3.22 14.98
CA ILE A 118 5.37 -2.48 16.18
C ILE A 118 5.32 -3.41 17.39
N ILE A 119 4.70 -4.57 17.23
CA ILE A 119 4.56 -5.54 18.32
C ILE A 119 5.95 -6.01 18.80
N SER A 120 6.86 -6.29 17.87
CA SER A 120 8.21 -6.77 18.18
C SER A 120 9.06 -5.75 18.97
N GLN A 121 8.82 -4.46 18.71
CA GLN A 121 9.56 -3.35 19.35
C GLN A 121 8.85 -2.72 20.57
N ASP A 122 7.59 -3.11 20.80
CA ASP A 122 6.71 -2.51 21.84
C ASP A 122 6.13 -1.18 21.33
N ARG A 123 6.98 -0.17 21.20
CA ARG A 123 6.62 1.10 20.57
C ARG A 123 7.86 1.74 19.99
N LEU A 124 7.69 2.58 18.97
CA LEU A 124 8.83 3.22 18.31
C LEU A 124 9.17 4.53 18.99
N SER A 125 10.46 4.85 19.02
CA SER A 125 10.92 6.19 19.39
C SER A 125 10.21 7.23 18.52
N GLU A 126 10.15 8.44 19.04
CA GLU A 126 9.56 9.55 18.32
C GLU A 126 10.26 9.75 16.98
N GLU A 127 11.59 9.70 16.99
CA GLU A 127 12.31 9.97 15.76
C GLU A 127 12.10 8.84 14.71
N GLU A 128 12.01 7.58 15.14
CA GLU A 128 11.68 6.50 14.20
C GLU A 128 10.24 6.61 13.73
N THR A 129 9.34 7.00 14.62
CA THR A 129 7.94 7.07 14.16
C THR A 129 7.81 8.19 13.11
N ARG A 130 8.53 9.29 13.30
CA ARG A 130 8.56 10.38 12.34
C ARG A 130 9.03 9.92 10.93
N VAL A 131 10.15 9.19 10.88
CA VAL A 131 10.68 8.66 9.62
C VAL A 131 9.64 7.80 8.89
N VAL A 132 9.04 6.88 9.63
CA VAL A 132 8.01 5.98 9.08
C VAL A 132 6.72 6.70 8.70
N PHE A 133 6.28 7.61 9.56
CA PHE A 133 5.04 8.34 9.33
C PHE A 133 5.10 9.25 8.10
N ARG A 134 6.26 9.88 7.88
CA ARG A 134 6.49 10.62 6.65
C ARG A 134 6.28 9.77 5.39
N GLN A 135 6.68 8.50 5.42
CA GLN A 135 6.52 7.64 4.23
C GLN A 135 5.04 7.27 4.02
N ILE A 136 4.31 7.09 5.11
CA ILE A 136 2.84 6.86 5.05
C ILE A 136 2.14 8.07 4.43
N VAL A 137 2.48 9.25 4.93
CA VAL A 137 1.93 10.50 4.40
C VAL A 137 2.26 10.68 2.90
N SER A 138 3.51 10.35 2.54
CA SER A 138 3.94 10.42 1.14
C SER A 138 3.03 9.58 0.25
N ALA A 139 2.87 8.30 0.60
CA ALA A 139 2.01 7.38 -0.17
C ALA A 139 0.57 7.87 -0.28
N VAL A 140 0.00 8.26 0.86
CA VAL A 140 -1.42 8.59 0.96
C VAL A 140 -1.72 9.89 0.21
N ALA A 141 -0.82 10.87 0.36
CA ALA A 141 -0.96 12.12 -0.37
C ALA A 141 -0.98 11.86 -1.87
N TYR A 142 -0.12 10.95 -2.32
CA TYR A 142 -0.05 10.59 -3.75
C TYR A 142 -1.35 9.92 -4.22
N VAL A 143 -1.84 8.97 -3.43
CA VAL A 143 -3.12 8.32 -3.70
C VAL A 143 -4.23 9.36 -3.89
N HIS A 144 -4.30 10.34 -3.00
CA HIS A 144 -5.32 11.40 -3.11
C HIS A 144 -5.13 12.26 -4.37
N SER A 145 -3.88 12.53 -4.72
CA SER A 145 -3.55 13.37 -5.87
C SER A 145 -4.04 12.70 -7.16
N GLN A 146 -4.07 11.37 -7.18
CA GLN A 146 -4.56 10.65 -8.35
C GLN A 146 -6.10 10.48 -8.37
N GLY A 147 -6.78 11.04 -7.39
CA GLY A 147 -8.25 11.02 -7.35
C GLY A 147 -8.86 9.86 -6.57
N TYR A 148 -8.08 9.24 -5.68
CA TYR A 148 -8.56 8.07 -4.92
C TYR A 148 -8.38 8.31 -3.43
N ALA A 149 -8.94 7.41 -2.62
CA ALA A 149 -8.64 7.36 -1.19
C ALA A 149 -8.44 5.90 -0.80
N HIS A 150 -7.70 5.63 0.27
CA HIS A 150 -7.42 4.23 0.65
C HIS A 150 -8.64 3.66 1.37
N ARG A 151 -8.98 4.30 2.49
CA ARG A 151 -10.18 3.97 3.30
C ARG A 151 -10.01 2.77 4.25
N ASP A 152 -8.86 2.11 4.23
CA ASP A 152 -8.58 1.03 5.19
C ASP A 152 -7.12 1.06 5.64
N LEU A 153 -6.65 2.25 6.01
CA LEU A 153 -5.30 2.40 6.50
C LEU A 153 -5.21 1.77 7.89
N LYS A 154 -4.15 1.00 8.10
CA LYS A 154 -3.90 0.31 9.37
C LYS A 154 -2.58 -0.41 9.15
N PRO A 155 -1.95 -0.88 10.25
CA PRO A 155 -0.61 -1.46 10.15
C PRO A 155 -0.48 -2.72 9.30
N GLU A 156 -1.57 -3.47 9.19
CA GLU A 156 -1.61 -4.68 8.37
C GLU A 156 -1.56 -4.38 6.86
N ASN A 157 -1.87 -3.14 6.49
CA ASN A 157 -1.82 -2.71 5.11
C ASN A 157 -0.58 -1.87 4.75
N LEU A 158 0.43 -1.95 5.60
CA LEU A 158 1.74 -1.36 5.33
C LEU A 158 2.84 -2.40 5.53
N LEU A 159 3.62 -2.64 4.48
CA LEU A 159 4.72 -3.61 4.52
C LEU A 159 6.06 -2.90 4.42
N PHE A 160 7.10 -3.51 4.96
CA PHE A 160 8.47 -3.03 4.76
C PHE A 160 9.15 -3.81 3.64
N ASP A 161 9.88 -3.10 2.78
CA ASP A 161 10.77 -3.76 1.82
C ASP A 161 12.11 -4.12 2.49
N GLU A 162 13.09 -4.58 1.72
CA GLU A 162 14.38 -4.99 2.26
C GLU A 162 15.25 -3.82 2.79
N TYR A 163 14.91 -2.60 2.38
CA TYR A 163 15.53 -1.37 2.90
C TYR A 163 14.74 -0.78 4.05
N HIS A 164 13.72 -1.50 4.51
CA HIS A 164 12.87 -1.05 5.62
C HIS A 164 12.16 0.26 5.27
N LYS A 165 11.82 0.41 4.00
CA LYS A 165 10.95 1.49 3.53
C LYS A 165 9.52 0.92 3.42
N LEU A 166 8.52 1.76 3.70
CA LEU A 166 7.13 1.28 3.70
C LEU A 166 6.55 1.20 2.30
N LYS A 167 5.75 0.15 2.08
CA LYS A 167 5.00 -0.05 0.86
C LYS A 167 3.51 -0.24 1.25
N LEU A 168 2.66 0.67 0.78
CA LEU A 168 1.22 0.62 1.00
C LEU A 168 0.61 -0.49 0.16
N ILE A 169 -0.21 -1.31 0.82
CA ILE A 169 -0.98 -2.36 0.18
C ILE A 169 -2.46 -2.18 0.56
N ASP A 170 -3.28 -3.12 0.12
CA ASP A 170 -4.67 -3.25 0.61
C ASP A 170 -5.05 -4.74 0.61
N PHE A 171 -6.22 -5.05 1.18
CA PHE A 171 -6.77 -6.42 1.29
C PHE A 171 -6.12 -7.25 2.41
N GLY A 172 -5.18 -6.66 3.15
CA GLY A 172 -4.61 -7.29 4.34
C GLY A 172 -5.64 -7.43 5.47
N LEU A 173 -5.53 -8.52 6.24
CA LEU A 173 -6.53 -8.87 7.27
C LEU A 173 -5.87 -9.54 8.48
N CYS A 189 -12.90 -7.21 15.70
CA CYS A 189 -13.16 -5.78 15.49
C CYS A 189 -12.25 -5.18 14.41
N GLY A 190 -11.15 -5.85 14.09
CA GLY A 190 -10.35 -5.54 12.91
C GLY A 190 -10.14 -4.06 12.67
N SER A 191 -10.40 -3.62 11.44
CA SER A 191 -10.17 -2.21 11.08
C SER A 191 -11.22 -1.22 11.60
N LEU A 192 -12.25 -1.69 12.32
CA LEU A 192 -13.17 -0.81 13.02
C LEU A 192 -12.41 0.20 13.89
N ALA A 193 -11.36 -0.26 14.56
CA ALA A 193 -10.55 0.59 15.44
C ALA A 193 -9.86 1.75 14.72
N TYR A 194 -9.70 1.62 13.39
CA TYR A 194 -9.08 2.64 12.54
C TYR A 194 -10.07 3.47 11.73
N ALA A 195 -11.36 3.13 11.79
CA ALA A 195 -12.38 3.82 11.02
C ALA A 195 -12.80 5.17 11.62
N ALA A 196 -12.91 6.19 10.77
CA ALA A 196 -13.36 7.52 11.17
C ALA A 196 -14.84 7.48 11.57
N PRO A 197 -15.24 8.31 12.55
CA PRO A 197 -16.63 8.31 13.05
C PRO A 197 -17.69 8.43 11.94
N GLU A 198 -17.50 9.35 11.01
CA GLU A 198 -18.47 9.56 9.92
C GLU A 198 -18.55 8.34 9.01
N LEU A 199 -17.44 7.63 8.88
CA LEU A 199 -17.37 6.38 8.17
C LEU A 199 -18.17 5.33 8.96
N ILE A 200 -17.91 5.23 10.26
CA ILE A 200 -18.56 4.26 11.14
C ILE A 200 -20.08 4.34 11.12
N GLN A 201 -20.64 5.53 10.97
CA GLN A 201 -22.10 5.65 10.98
C GLN A 201 -22.71 5.82 9.58
N GLY A 202 -22.04 5.26 8.57
CA GLY A 202 -22.61 5.13 7.22
C GLY A 202 -22.99 6.42 6.52
N LYS A 203 -22.66 7.55 7.12
CA LYS A 203 -23.06 8.85 6.58
C LYS A 203 -22.11 9.29 5.47
N SER A 204 -22.34 10.49 4.95
CA SER A 204 -21.53 11.01 3.86
C SER A 204 -20.18 11.49 4.36
N TYR A 205 -19.15 11.17 3.60
CA TYR A 205 -17.80 11.46 4.04
C TYR A 205 -16.88 11.65 2.85
N LEU A 206 -15.74 12.31 3.08
CA LEU A 206 -14.72 12.41 2.04
C LEU A 206 -13.66 11.38 2.36
N GLY A 207 -13.32 10.55 1.37
CA GLY A 207 -12.27 9.54 1.53
C GLY A 207 -10.98 10.10 2.11
N SER A 208 -10.56 11.25 1.63
CA SER A 208 -9.33 11.89 2.10
C SER A 208 -9.36 12.20 3.59
N GLU A 209 -10.51 12.67 4.05
CA GLU A 209 -10.72 12.98 5.48
C GLU A 209 -10.72 11.74 6.36
N ALA A 210 -11.31 10.65 5.85
CA ALA A 210 -11.30 9.34 6.52
C ALA A 210 -9.86 8.82 6.61
N ASP A 211 -9.08 8.99 5.56
CA ASP A 211 -7.65 8.59 5.59
C ASP A 211 -6.84 9.38 6.64
N VAL A 212 -7.12 10.67 6.81
CA VAL A 212 -6.38 11.47 7.81
C VAL A 212 -6.66 10.97 9.23
N TRP A 213 -7.91 10.64 9.49
CA TRP A 213 -8.31 10.09 10.79
C TRP A 213 -7.52 8.80 11.06
N SER A 214 -7.51 7.90 10.08
CA SER A 214 -6.88 6.61 10.22
C SER A 214 -5.38 6.80 10.43
N MET A 215 -4.79 7.74 9.70
CA MET A 215 -3.38 8.08 9.91
C MET A 215 -3.10 8.58 11.33
N GLY A 216 -4.06 9.31 11.92
CA GLY A 216 -4.01 9.68 13.34
C GLY A 216 -3.97 8.50 14.30
N ILE A 217 -4.82 7.50 14.06
CA ILE A 217 -4.81 6.26 14.86
C ILE A 217 -3.43 5.57 14.70
N LEU A 218 -3.00 5.39 13.46
CA LEU A 218 -1.66 4.88 13.14
C LEU A 218 -0.51 5.60 13.90
N LEU A 219 -0.55 6.93 13.91
CA LEU A 219 0.44 7.74 14.63
C LEU A 219 0.46 7.42 16.12
N TYR A 220 -0.72 7.33 16.72
CA TYR A 220 -0.84 6.96 18.13
C TYR A 220 -0.24 5.57 18.39
N VAL A 221 -0.55 4.59 17.53
CA VAL A 221 -0.12 3.21 17.80
C VAL A 221 1.40 3.10 17.60
N LEU A 222 1.92 3.80 16.60
CA LEU A 222 3.37 3.84 16.38
C LEU A 222 4.10 4.28 17.64
N MET A 223 3.60 5.35 18.26
CA MET A 223 4.26 5.94 19.42
C MET A 223 3.91 5.31 20.77
N CYS A 224 2.78 4.62 20.83
CA CYS A 224 2.27 4.04 22.07
C CYS A 224 2.29 2.52 22.12
N GLY A 225 2.13 1.86 20.98
CA GLY A 225 2.09 0.40 20.93
C GLY A 225 0.76 -0.22 21.37
N PHE A 226 -0.28 0.62 21.51
CA PHE A 226 -1.66 0.17 21.69
C PHE A 226 -2.58 1.23 21.08
N LEU A 227 -3.84 0.87 20.88
CA LEU A 227 -4.83 1.76 20.21
C LEU A 227 -5.37 2.86 21.14
N PRO A 228 -5.72 4.02 20.58
CA PRO A 228 -6.34 5.09 21.39
C PRO A 228 -7.79 4.80 21.81
N PHE A 229 -8.51 4.07 20.97
CA PHE A 229 -9.87 3.62 21.28
C PHE A 229 -9.85 2.10 21.17
N ASP A 230 -10.18 1.41 22.26
CA ASP A 230 -10.10 -0.04 22.28
C ASP A 230 -11.12 -0.58 23.27
N ASP A 231 -11.72 -1.71 22.90
CA ASP A 231 -12.67 -2.40 23.77
C ASP A 231 -12.95 -3.83 23.32
N ASP A 232 -13.70 -4.56 24.16
CA ASP A 232 -13.98 -5.99 23.95
C ASP A 232 -15.14 -6.23 22.99
N THR A 233 -15.94 -5.21 22.74
CA THR A 233 -17.13 -5.35 21.89
C THR A 233 -17.20 -4.21 20.89
N ALA A 234 -17.95 -4.41 19.82
CA ALA A 234 -18.08 -3.44 18.73
C ALA A 234 -18.87 -2.19 19.15
N ALA A 235 -19.92 -2.39 19.94
CA ALA A 235 -20.76 -1.28 20.41
C ALA A 235 -20.00 -0.32 21.31
N ALA A 236 -19.20 -0.87 22.21
CA ALA A 236 -18.38 -0.08 23.14
C ALA A 236 -17.27 0.67 22.41
N LEU A 237 -16.64 -0.01 21.46
CA LEU A 237 -15.50 0.55 20.72
C LEU A 237 -15.96 1.74 19.93
N VAL A 238 -16.99 1.50 19.43
CA VAL A 238 -17.62 2.55 18.69
C VAL A 238 -18.08 3.69 19.56
N ALA A 239 -18.86 3.60 20.48
CA ALA A 239 -19.18 4.68 21.39
C ALA A 239 -17.92 5.49 21.74
N LYS A 240 -16.81 4.80 22.02
CA LYS A 240 -15.52 5.45 22.34
C LYS A 240 -15.05 6.34 21.19
N ILE A 241 -14.98 5.75 19.99
CA ILE A 241 -14.65 6.49 18.74
C ILE A 241 -15.50 7.75 18.53
N MET A 242 -16.81 7.63 18.74
CA MET A 242 -17.71 8.78 18.56
C MET A 242 -17.44 9.88 19.60
N ARG A 243 -17.10 9.48 20.82
CA ARG A 243 -16.81 10.46 21.88
C ARG A 243 -15.48 11.16 21.64
N GLY A 244 -14.52 10.45 21.03
CA GLY A 244 -13.24 11.02 20.64
C GLY A 244 -12.23 11.25 21.77
N LYS A 245 -12.53 10.75 22.96
CA LYS A 245 -11.65 10.88 24.13
C LYS A 245 -10.69 9.70 24.21
N TYR A 246 -9.46 9.96 24.63
CA TYR A 246 -8.43 8.93 24.73
C TYR A 246 -7.33 9.37 25.70
N ASP A 247 -6.65 8.39 26.27
CA ASP A 247 -5.56 8.66 27.22
C ASP A 247 -4.34 9.14 26.47
N VAL A 248 -3.53 9.94 27.15
CA VAL A 248 -2.30 10.48 26.60
C VAL A 248 -1.12 10.00 27.45
N PRO A 249 -0.48 8.89 27.04
CA PRO A 249 0.62 8.39 27.89
C PRO A 249 1.70 9.44 28.15
N LYS A 250 2.36 9.34 29.30
CA LYS A 250 3.29 10.38 29.76
C LYS A 250 4.55 10.54 28.88
N TRP A 251 4.87 9.55 28.07
CA TRP A 251 6.07 9.65 27.22
C TRP A 251 5.85 10.46 25.94
N LEU A 252 4.61 10.85 25.63
CA LEU A 252 4.33 11.58 24.39
C LEU A 252 4.79 13.02 24.52
N SER A 253 5.52 13.53 23.54
CA SER A 253 5.99 14.92 23.58
C SER A 253 4.80 15.86 23.44
N PRO A 254 4.91 17.09 23.97
CA PRO A 254 3.90 18.10 23.70
C PRO A 254 3.52 18.25 22.23
N SER A 255 4.50 18.29 21.33
CA SER A 255 4.23 18.47 19.90
C SER A 255 3.47 17.28 19.26
N SER A 256 3.81 16.07 19.71
CA SER A 256 3.08 14.86 19.32
C SER A 256 1.62 14.91 19.74
N ILE A 257 1.39 15.38 20.95
CA ILE A 257 0.04 15.53 21.49
C ILE A 257 -0.80 16.49 20.63
N LEU A 258 -0.21 17.62 20.22
CA LEU A 258 -0.90 18.62 19.40
C LEU A 258 -1.25 18.07 18.02
N LEU A 259 -0.34 17.32 17.42
CA LEU A 259 -0.61 16.72 16.12
C LEU A 259 -1.73 15.68 16.21
N LEU A 260 -1.67 14.80 17.22
CA LEU A 260 -2.72 13.79 17.42
C LEU A 260 -4.11 14.43 17.54
N GLN A 261 -4.22 15.53 18.28
CA GLN A 261 -5.52 16.18 18.44
C GLN A 261 -5.98 16.81 17.11
N GLN A 262 -5.05 17.24 16.27
CA GLN A 262 -5.41 17.79 14.95
C GLN A 262 -5.88 16.71 13.97
N MET A 263 -5.34 15.50 14.08
CA MET A 263 -5.75 14.40 13.20
C MET A 263 -7.01 13.67 13.70
N LEU A 264 -7.19 13.61 15.02
CA LEU A 264 -8.29 12.86 15.62
C LEU A 264 -9.40 13.78 16.09
N GLN A 265 -9.87 14.62 15.18
CA GLN A 265 -11.05 15.43 15.39
C GLN A 265 -12.23 14.63 14.88
N VAL A 266 -13.23 14.45 15.73
CA VAL A 266 -14.43 13.73 15.35
C VAL A 266 -15.14 14.41 14.17
N ASP A 267 -15.20 15.74 14.19
CA ASP A 267 -15.80 16.52 13.10
C ASP A 267 -14.80 16.63 11.95
N PRO A 268 -15.12 16.02 10.79
CA PRO A 268 -14.16 15.95 9.69
C PRO A 268 -13.71 17.32 9.18
N LYS A 269 -14.63 18.27 9.21
CA LYS A 269 -14.34 19.69 8.90
C LYS A 269 -13.19 20.31 9.74
N LYS A 270 -12.97 19.82 10.95
CA LYS A 270 -11.96 20.38 11.88
C LYS A 270 -10.66 19.57 11.86
N ARG A 271 -10.67 18.47 11.11
CA ARG A 271 -9.50 17.64 10.93
C ARG A 271 -8.49 18.35 10.06
N ILE A 272 -7.22 18.19 10.38
CA ILE A 272 -6.13 18.71 9.57
C ILE A 272 -6.20 18.17 8.13
N SER A 273 -5.93 19.05 7.16
CA SER A 273 -5.92 18.68 5.75
C SER A 273 -4.57 18.06 5.41
N MET A 274 -4.53 17.31 4.30
CA MET A 274 -3.28 16.77 3.80
C MET A 274 -2.29 17.89 3.48
N LYS A 275 -2.79 18.99 2.93
CA LYS A 275 -1.95 20.15 2.64
C LYS A 275 -1.14 20.57 3.86
N ASN A 276 -1.82 20.72 5.00
CA ASN A 276 -1.18 21.17 6.24
C ASN A 276 -0.37 20.10 6.95
N LEU A 277 -0.65 18.84 6.66
CA LEU A 277 0.14 17.74 7.19
C LEU A 277 1.52 17.66 6.54
N LEU A 278 1.59 17.89 5.23
CA LEU A 278 2.82 17.75 4.46
C LEU A 278 3.97 18.59 5.01
N ASN A 279 3.65 19.78 5.52
CA ASN A 279 4.67 20.67 6.08
C ASN A 279 4.42 21.02 7.55
N HIS A 280 3.77 20.12 8.28
CA HIS A 280 3.48 20.33 9.70
C HIS A 280 4.78 20.44 10.53
N PRO A 281 4.81 21.31 11.56
CA PRO A 281 6.02 21.44 12.40
C PRO A 281 6.55 20.14 12.98
N TRP A 282 5.67 19.30 13.50
CA TRP A 282 6.07 17.97 13.99
C TRP A 282 6.71 17.10 12.88
N ILE A 283 6.09 17.11 11.70
CA ILE A 283 6.55 16.35 10.54
C ILE A 283 7.95 16.78 10.11
N MET A 284 8.26 18.05 10.31
CA MET A 284 9.56 18.62 9.92
C MET A 284 10.53 18.82 11.10
N GLN A 285 10.20 18.25 12.25
CA GLN A 285 10.97 18.54 13.46
C GLN A 285 12.43 18.05 13.35
N ASP A 286 12.63 16.88 12.77
CA ASP A 286 13.99 16.28 12.65
C ASP A 286 14.62 16.52 11.29
N TYR A 287 13.80 16.47 10.24
CA TYR A 287 14.27 16.67 8.88
C TYR A 287 13.45 17.83 8.31
N ASN A 288 14.10 18.98 8.18
CA ASN A 288 13.38 20.25 8.00
C ASN A 288 12.97 20.54 6.55
N TYR A 289 12.26 19.60 5.96
CA TYR A 289 11.75 19.71 4.59
C TYR A 289 10.34 19.12 4.54
N PRO A 290 9.43 19.68 3.71
CA PRO A 290 8.11 19.03 3.60
C PRO A 290 8.18 17.60 3.04
N VAL A 291 7.17 16.79 3.31
CA VAL A 291 7.13 15.41 2.82
C VAL A 291 7.19 15.40 1.29
N GLU A 292 8.07 14.56 0.75
CA GLU A 292 8.22 14.36 -0.69
C GLU A 292 7.18 13.32 -1.10
N TRP A 293 6.00 13.81 -1.50
CA TRP A 293 4.86 12.93 -1.80
C TRP A 293 4.81 12.55 -3.27
N GLN A 294 5.37 13.40 -4.14
CA GLN A 294 5.35 13.14 -5.58
C GLN A 294 6.07 11.85 -5.95
N SER A 295 5.61 11.20 -7.02
CA SER A 295 6.21 9.97 -7.46
C SER A 295 7.63 10.26 -7.94
N LYS A 296 8.58 9.43 -7.52
CA LYS A 296 9.98 9.58 -7.92
C LYS A 296 10.28 8.79 -9.19
N ASN A 297 9.39 7.88 -9.52
CA ASN A 297 9.54 6.95 -10.63
C ASN A 297 8.37 6.91 -11.64
N PRO A 298 7.80 8.08 -12.02
CA PRO A 298 6.56 7.97 -12.80
C PRO A 298 6.80 7.38 -14.21
N PHE A 299 5.76 6.81 -14.82
CA PHE A 299 5.89 6.34 -16.19
C PHE A 299 5.76 7.56 -17.10
N ILE A 300 6.84 7.89 -17.81
CA ILE A 300 6.81 9.00 -18.76
C ILE A 300 6.75 8.36 -20.16
N HIS A 301 7.91 8.06 -20.72
CA HIS A 301 7.95 7.32 -21.97
C HIS A 301 8.53 5.97 -21.64
N LEU A 302 8.32 5.04 -22.55
CA LEU A 302 8.84 3.69 -22.41
C LEU A 302 10.37 3.76 -22.35
N ASP A 303 10.97 2.94 -21.49
CA ASP A 303 12.41 2.85 -21.40
C ASP A 303 12.96 2.14 -22.62
N ASP A 304 13.85 2.80 -23.36
CA ASP A 304 14.34 2.23 -24.62
C ASP A 304 15.08 0.89 -24.44
N ASP A 305 15.90 0.78 -23.41
CA ASP A 305 16.65 -0.47 -23.19
C ASP A 305 15.72 -1.66 -22.94
N CYS A 306 14.66 -1.47 -22.16
CA CYS A 306 13.68 -2.53 -21.91
C CYS A 306 12.89 -2.89 -23.19
N VAL A 307 12.57 -1.90 -24.00
CA VAL A 307 11.85 -2.13 -25.29
C VAL A 307 12.76 -2.94 -26.23
N THR A 308 14.04 -2.57 -26.26
CA THR A 308 15.03 -3.27 -27.06
C THR A 308 15.08 -4.78 -26.72
N GLU A 309 15.17 -5.10 -25.44
CA GLU A 309 15.29 -6.49 -25.01
C GLU A 309 14.01 -7.28 -25.33
N LEU A 310 12.86 -6.66 -25.10
CA LEU A 310 11.58 -7.28 -25.44
C LEU A 310 11.45 -7.52 -26.96
N SER A 311 11.89 -6.57 -27.78
CA SER A 311 11.83 -6.71 -29.24
C SER A 311 12.66 -7.90 -29.70
N VAL A 312 13.89 -8.04 -29.18
CA VAL A 312 14.75 -9.17 -29.62
C VAL A 312 14.05 -10.46 -29.17
N HIS A 313 13.58 -10.48 -27.93
CA HIS A 313 12.97 -11.69 -27.39
C HIS A 313 11.70 -12.13 -28.13
N HIS A 314 10.83 -11.18 -28.43
CA HIS A 314 9.54 -11.50 -29.06
C HIS A 314 9.60 -11.48 -30.59
N ARG A 315 10.80 -11.27 -31.12
CA ARG A 315 11.05 -11.20 -32.55
C ARG A 315 10.06 -10.22 -33.20
N ASN A 316 9.95 -9.05 -32.58
CA ASN A 316 9.22 -7.88 -33.10
C ASN A 316 10.19 -6.72 -33.34
N ASN A 317 9.79 -5.81 -34.23
CA ASN A 317 10.45 -4.51 -34.38
C ASN A 317 10.05 -3.57 -33.23
N ARG A 318 10.73 -2.42 -33.11
CA ARG A 318 10.55 -1.54 -31.95
C ARG A 318 9.14 -0.94 -31.89
N GLN A 319 8.66 -0.45 -33.04
CA GLN A 319 7.36 0.20 -33.08
C GLN A 319 6.22 -0.73 -32.68
N THR A 320 6.25 -1.97 -33.17
CA THR A 320 5.16 -2.92 -32.85
C THR A 320 5.28 -3.34 -31.39
N MET A 321 6.49 -3.48 -30.87
CA MET A 321 6.70 -3.79 -29.44
C MET A 321 6.20 -2.66 -28.55
N GLU A 322 6.53 -1.42 -28.88
CA GLU A 322 6.07 -0.26 -28.10
C GLU A 322 4.55 -0.17 -28.11
N ASP A 323 3.97 -0.44 -29.28
CA ASP A 323 2.52 -0.42 -29.42
C ASP A 323 1.86 -1.46 -28.51
N LEU A 324 2.43 -2.65 -28.45
CA LEU A 324 1.92 -3.72 -27.55
C LEU A 324 2.02 -3.30 -26.08
N ILE A 325 3.19 -2.83 -25.69
CA ILE A 325 3.44 -2.47 -24.29
C ILE A 325 2.47 -1.36 -23.84
N SER A 326 2.24 -0.40 -24.75
CA SER A 326 1.42 0.80 -24.50
C SER A 326 -0.04 0.53 -24.25
N LEU A 327 -0.50 -0.66 -24.62
CA LEU A 327 -1.84 -1.10 -24.22
C LEU A 327 -1.97 -1.23 -22.70
N TRP A 328 -0.87 -1.48 -21.99
CA TRP A 328 -0.87 -1.64 -20.53
C TRP A 328 -1.98 -2.57 -20.02
N GLN A 329 -1.99 -3.80 -20.50
CA GLN A 329 -3.06 -4.76 -20.15
C GLN A 329 -2.85 -5.44 -18.77
N TYR A 330 -1.68 -5.24 -18.16
CA TYR A 330 -1.28 -5.96 -16.94
C TYR A 330 -1.36 -7.48 -17.18
N ASP A 331 -0.94 -7.87 -18.38
CA ASP A 331 -0.77 -9.27 -18.75
C ASP A 331 0.72 -9.60 -18.55
N HIS A 332 1.20 -10.72 -19.09
CA HIS A 332 2.60 -11.14 -18.92
C HIS A 332 3.60 -10.15 -19.53
N LEU A 333 3.21 -9.50 -20.62
CA LEU A 333 4.06 -8.49 -21.26
C LEU A 333 4.30 -7.28 -20.35
N THR A 334 3.23 -6.76 -19.76
CA THR A 334 3.35 -5.69 -18.76
C THR A 334 4.34 -6.10 -17.63
N ALA A 335 4.12 -7.30 -17.10
CA ALA A 335 4.93 -7.84 -16.02
C ALA A 335 6.41 -7.87 -16.39
N THR A 336 6.70 -8.40 -17.58
CA THR A 336 8.07 -8.51 -18.05
C THR A 336 8.70 -7.14 -18.28
N TYR A 337 7.93 -6.21 -18.85
CA TYR A 337 8.41 -4.84 -19.04
C TYR A 337 8.80 -4.24 -17.68
N LEU A 338 7.90 -4.32 -16.72
CA LEU A 338 8.07 -3.67 -15.41
C LEU A 338 9.19 -4.29 -14.61
N LEU A 339 9.36 -5.59 -14.76
CA LEU A 339 10.41 -6.30 -14.06
C LEU A 339 11.80 -6.01 -14.70
N LEU A 340 11.85 -5.82 -16.01
CA LEU A 340 13.10 -5.40 -16.68
C LEU A 340 13.48 -3.98 -16.22
N LEU A 341 12.48 -3.12 -16.11
CA LEU A 341 12.67 -1.77 -15.58
C LEU A 341 13.28 -1.79 -14.16
N ALA A 342 12.73 -2.65 -13.29
CA ALA A 342 13.29 -2.83 -11.95
C ALA A 342 14.74 -3.33 -11.98
N LYS A 343 15.04 -4.24 -12.91
CA LYS A 343 16.43 -4.73 -13.12
C LYS A 343 17.38 -3.60 -13.45
N LYS A 344 16.96 -2.74 -14.37
CA LYS A 344 17.75 -1.59 -14.79
C LYS A 344 18.00 -0.63 -13.63
N ALA A 345 16.97 -0.38 -12.83
CA ALA A 345 17.10 0.47 -11.64
C ALA A 345 18.12 -0.08 -10.63
N ARG A 346 18.30 -1.39 -10.61
CA ARG A 346 19.27 -2.02 -9.70
C ARG A 346 20.67 -2.22 -10.32
N GLY A 347 20.85 -1.70 -11.52
CA GLY A 347 22.13 -1.73 -12.20
C GLY A 347 22.43 -3.04 -12.90
N LYS A 348 21.42 -3.91 -13.00
CA LYS A 348 21.61 -5.27 -13.52
C LYS A 348 21.45 -5.26 -15.03
N PRO A 349 22.12 -6.21 -15.72
CA PRO A 349 21.91 -6.28 -17.15
C PRO A 349 20.40 -6.38 -17.50
N VAL A 350 19.98 -5.62 -18.49
CA VAL A 350 18.57 -5.62 -18.88
C VAL A 350 18.43 -6.74 -19.92
N ARG A 351 18.22 -7.95 -19.39
CA ARG A 351 18.29 -9.18 -20.16
C ARG A 351 17.25 -10.20 -19.68
N LEU A 352 16.75 -10.99 -20.64
CA LEU A 352 15.73 -12.01 -20.42
C LEU A 352 16.39 -13.39 -20.53
N ARG A 353 16.03 -14.33 -19.66
CA ARG A 353 16.78 -15.61 -19.57
C ARG A 353 16.63 -16.51 -20.81
S DMS B . 11.70 -6.82 -7.83
O DMS B . 10.42 -5.83 -7.66
C1 DMS B . 13.03 -6.28 -8.88
C2 DMS B . 11.42 -8.41 -8.48
C1 47W C . -2.27 0.74 -2.65
O2 47W C . -3.46 0.34 -3.34
C3 47W C . -3.74 -1.00 -3.42
C4 47W C . -2.93 -2.01 -2.92
C5 47W C . -3.32 -3.35 -3.04
O6 47W C . -2.48 -4.33 -2.53
C7 47W C . -2.76 -5.74 -2.74
C8 47W C . -1.67 -6.48 -2.07
C9 47W C . -0.80 -7.09 -1.53
C10 47W C . 0.26 -7.82 -0.88
C11 47W C . 0.00 -8.69 0.16
C12 47W C . 1.03 -9.39 0.78
C13 47W C . 2.36 -9.20 0.36
C14 47W C . 3.43 -9.88 0.96
C15 47W C . 4.71 -9.65 0.50
N16 47W C . 4.98 -8.81 -0.50
C17 47W C . 3.97 -8.16 -1.08
C18 47W C . 2.63 -8.31 -0.69
C19 47W C . 1.59 -7.63 -1.30
C20 47W C . -4.50 -3.67 -3.68
C21 47W C . -5.31 -2.66 -4.18
C22 47W C . -4.95 -1.32 -4.06
C23 47W C . -5.85 -0.24 -4.62
N24 47W C . -6.40 0.76 -3.63
C26 47W C . -7.36 0.10 -2.69
C27 47W C . -7.89 1.13 -1.70
N28 47W C . -8.58 2.23 -2.42
C31 47W C . -7.66 2.90 -3.38
C32 47W C . -7.06 1.89 -4.35
H1 47W C . -2.20 1.72 -2.66
H1A 47W C . -2.30 0.43 -1.72
H1B 47W C . -1.49 0.36 -3.09
H4 47W C . -2.13 -1.80 -2.49
H7 47W C . -3.62 -5.97 -2.34
H7A 47W C . -2.78 -5.94 -3.70
H11 47W C . -0.89 -8.82 0.44
H12 47W C . 0.84 -9.99 1.48
H14 47W C . 3.27 -10.49 1.66
H15 47W C . 5.42 -10.11 0.90
H17 47W C . 4.16 -7.56 -1.78
H19 47W C . 1.77 -7.02 -2.00
H20 47W C . -4.76 -4.58 -3.77
H21 47W C . -6.12 -2.90 -4.62
H23 47W C . -5.35 0.26 -5.31
H26 47W C . -8.10 -0.28 -3.20
H27 47W C . -8.52 0.70 -1.08
H31 47W C . -8.16 3.58 -3.88
H32 47W C . -6.40 2.33 -4.91
H25 47W C . -5.69 1.09 -3.14
H29 47W C . -9.30 1.88 -2.88
H30 47W C . -8.89 2.84 -1.80
H48 47W C . -6.61 -0.66 -5.07
H50 47W C . -6.91 -0.62 -2.22
H52 47W C . -7.16 1.50 -1.17
H54 47W C . -6.95 3.35 -2.88
H56 47W C . -7.76 1.53 -4.92
#